data_2CSM
#
_entry.id   2CSM
#
_cell.length_a   78.600
_cell.length_b   78.600
_cell.length_c   116.100
_cell.angle_alpha   90.00
_cell.angle_beta   90.00
_cell.angle_gamma   90.00
#
_symmetry.space_group_name_H-M   'P 43 21 2'
#
loop_
_entity.id
_entity.type
_entity.pdbx_description
1 polymer 'CHORISMATE MUTASE'
2 non-polymer TYROSINE
3 water water
#
_entity_poly.entity_id   1
_entity_poly.type   'polypeptide(L)'
_entity_poly.pdbx_seq_one_letter_code
;MDFTKPETVLNLQNIRDELVRMEDSIIFKFIERSHFATCPSVYEANHPGLEIPNFKGSFLDWALSNLEIAHSRIRRFESP
DETPFFPDKIQKSFLPSINYPQILAPYAPEVNYNDKIKKVYIEKIIPLISKRDGDDKNNFGSVATRDIECLQSLSRRIHF
GKFVAEAKFQSDIPLYTKLIKSKDVEGIMKNITNSAVEEKILERLTKKAEVYGVDPTNESGERRITPEYLVKIYKEIVIP
ITKEVEVEYLLRRLEE
;
_entity_poly.pdbx_strand_id   A
#
# COMPACT_ATOMS: atom_id res chain seq x y z
N MET A 1 -15.28 9.18 7.80
CA MET A 1 -15.32 7.70 7.52
C MET A 1 -15.00 6.95 8.79
N ASP A 2 -15.75 5.88 9.02
CA ASP A 2 -15.58 5.07 10.22
C ASP A 2 -15.86 3.62 9.80
N PHE A 3 -14.91 2.74 10.03
CA PHE A 3 -15.04 1.32 9.68
C PHE A 3 -16.01 0.52 10.57
N THR A 4 -16.79 1.23 11.38
CA THR A 4 -17.78 0.58 12.23
C THR A 4 -19.13 1.02 11.68
N LYS A 5 -19.08 1.77 10.58
CA LYS A 5 -20.28 2.27 9.94
C LYS A 5 -20.11 2.06 8.44
N PRO A 6 -20.77 1.03 7.90
CA PRO A 6 -20.74 0.65 6.49
C PRO A 6 -21.10 1.81 5.58
N GLU A 7 -22.18 2.50 5.91
CA GLU A 7 -22.65 3.63 5.11
C GLU A 7 -21.59 4.73 4.97
N THR A 8 -20.78 4.93 6.00
CA THR A 8 -19.74 5.97 5.97
C THR A 8 -18.50 5.53 5.22
N VAL A 9 -18.35 4.23 5.03
CA VAL A 9 -17.21 3.68 4.32
C VAL A 9 -17.54 3.62 2.84
N LEU A 10 -18.71 3.09 2.53
CA LEU A 10 -19.16 2.96 1.16
C LEU A 10 -19.41 4.32 0.50
N ASN A 11 -19.37 5.39 1.28
CA ASN A 11 -19.61 6.74 0.75
C ASN A 11 -18.49 7.18 -0.18
N LEU A 12 -18.84 7.47 -1.44
CA LEU A 12 -17.85 7.87 -2.42
C LEU A 12 -17.00 9.10 -2.09
N GLN A 13 -17.60 10.20 -1.65
CA GLN A 13 -16.79 11.37 -1.34
C GLN A 13 -15.86 11.08 -0.19
N ASN A 14 -16.29 10.26 0.77
CA ASN A 14 -15.44 9.95 1.90
C ASN A 14 -14.19 9.20 1.45
N ILE A 15 -14.36 8.15 0.64
CA ILE A 15 -13.19 7.39 0.18
C ILE A 15 -12.31 8.33 -0.64
N ARG A 16 -12.95 9.20 -1.42
CA ARG A 16 -12.27 10.17 -2.26
C ARG A 16 -11.28 10.94 -1.40
N ASP A 17 -11.75 11.34 -0.22
CA ASP A 17 -10.96 12.09 0.73
C ASP A 17 -9.89 11.24 1.39
N GLU A 18 -10.26 10.01 1.75
CA GLU A 18 -9.32 9.09 2.38
C GLU A 18 -8.09 8.85 1.53
N LEU A 19 -8.31 8.60 0.24
CA LEU A 19 -7.21 8.35 -0.69
C LEU A 19 -6.25 9.53 -0.71
N VAL A 20 -6.81 10.74 -0.80
CA VAL A 20 -6.00 11.95 -0.80
C VAL A 20 -5.07 11.95 0.39
N ARG A 21 -5.53 11.37 1.49
CA ARG A 21 -4.71 11.28 2.69
C ARG A 21 -3.71 10.12 2.55
N MET A 22 -4.15 8.98 2.05
CA MET A 22 -3.26 7.83 1.90
C MET A 22 -2.38 7.85 0.66
N GLU A 23 -2.62 8.78 -0.26
CA GLU A 23 -1.77 8.88 -1.45
C GLU A 23 -0.68 9.91 -1.25
N ASP A 24 -0.98 10.98 -0.52
CA ASP A 24 0.02 12.00 -0.24
C ASP A 24 1.15 11.39 0.60
N SER A 25 0.79 10.44 1.47
CA SER A 25 1.72 9.74 2.34
C SER A 25 2.81 9.02 1.56
N ILE A 26 2.41 8.06 0.73
CA ILE A 26 3.36 7.29 -0.07
C ILE A 26 4.40 8.25 -0.64
N ILE A 27 3.96 9.41 -1.10
CA ILE A 27 4.86 10.41 -1.67
C ILE A 27 5.83 10.97 -0.64
N PHE A 28 5.32 11.17 0.58
CA PHE A 28 6.15 11.69 1.65
C PHE A 28 7.11 10.59 2.13
N LYS A 29 6.67 9.34 2.03
CA LYS A 29 7.51 8.22 2.44
C LYS A 29 8.66 8.05 1.43
N PHE A 30 8.38 8.25 0.15
CA PHE A 30 9.40 8.14 -0.89
C PHE A 30 10.45 9.23 -0.77
N ILE A 31 10.01 10.48 -0.58
CA ILE A 31 10.93 11.60 -0.40
C ILE A 31 11.86 11.36 0.80
N GLU A 32 11.36 10.68 1.83
CA GLU A 32 12.19 10.38 2.98
C GLU A 32 13.30 9.40 2.62
N ARG A 33 12.89 8.26 2.09
CA ARG A 33 13.81 7.20 1.68
C ARG A 33 14.83 7.67 0.65
N SER A 34 14.48 8.69 -0.14
CA SER A 34 15.37 9.19 -1.19
C SER A 34 16.63 9.90 -0.67
N HIS A 35 16.84 9.91 0.64
CA HIS A 35 18.01 10.56 1.23
C HIS A 35 19.05 9.52 1.59
N PHE A 36 18.75 8.25 1.36
CA PHE A 36 19.68 7.18 1.68
C PHE A 36 20.14 6.44 0.44
N ALA A 37 21.26 5.73 0.54
CA ALA A 37 21.79 4.98 -0.58
C ALA A 37 20.93 3.71 -0.70
N THR A 38 21.20 2.88 -1.71
CA THR A 38 20.44 1.64 -1.92
C THR A 38 20.54 0.55 -0.84
N CYS A 39 21.69 0.43 -0.18
CA CYS A 39 21.88 -0.55 0.88
C CYS A 39 21.41 -1.97 0.54
N PRO A 40 21.93 -2.55 -0.56
CA PRO A 40 21.54 -3.90 -0.96
C PRO A 40 21.56 -4.95 0.16
N SER A 41 22.54 -4.85 1.05
CA SER A 41 22.63 -5.80 2.15
C SER A 41 21.37 -5.83 3.00
N VAL A 42 20.65 -4.71 3.07
CA VAL A 42 19.43 -4.64 3.87
C VAL A 42 18.33 -5.55 3.29
N TYR A 43 18.49 -5.95 2.04
CA TYR A 43 17.49 -6.80 1.39
C TYR A 43 18.01 -8.19 1.09
N GLU A 44 19.32 -8.32 0.89
CA GLU A 44 19.91 -9.62 0.58
C GLU A 44 19.46 -10.62 1.62
N ALA A 45 18.81 -11.66 1.13
CA ALA A 45 18.26 -12.71 1.98
C ALA A 45 19.28 -13.45 2.84
N ASN A 46 18.82 -13.83 4.03
CA ASN A 46 19.60 -14.54 5.03
C ASN A 46 20.58 -13.65 5.79
N HIS A 47 20.35 -12.33 5.67
CA HIS A 47 21.14 -11.29 6.35
C HIS A 47 22.64 -11.53 6.47
N PRO A 48 23.36 -11.50 5.34
CA PRO A 48 24.81 -11.71 5.31
C PRO A 48 25.55 -10.62 6.11
N GLY A 49 26.11 -11.00 7.26
CA GLY A 49 26.85 -10.05 8.07
C GLY A 49 26.25 -9.85 9.45
N LEU A 50 24.92 -9.90 9.51
CA LEU A 50 24.22 -9.69 10.77
C LEU A 50 24.02 -11.07 11.42
N GLU A 51 24.55 -11.24 12.62
CA GLU A 51 24.49 -12.51 13.36
C GLU A 51 23.13 -12.77 14.03
N ILE A 52 22.06 -12.74 13.24
CA ILE A 52 20.71 -12.96 13.77
C ILE A 52 20.47 -14.46 13.99
N PRO A 53 20.30 -14.88 15.25
CA PRO A 53 20.05 -16.26 15.68
C PRO A 53 19.00 -17.04 14.89
N ASN A 54 19.50 -17.92 14.01
CA ASN A 54 18.69 -18.79 13.14
C ASN A 54 17.68 -18.08 12.24
N PHE A 55 17.67 -16.75 12.27
CA PHE A 55 16.75 -16.05 11.40
C PHE A 55 17.25 -16.34 9.99
N LYS A 56 16.31 -16.39 9.07
CA LYS A 56 16.56 -16.66 7.66
C LYS A 56 15.67 -15.62 7.02
N GLY A 57 16.24 -14.84 6.11
CA GLY A 57 15.47 -13.79 5.48
C GLY A 57 16.30 -12.55 5.64
N SER A 58 16.07 -11.55 4.81
CA SER A 58 16.83 -10.30 4.85
C SER A 58 16.79 -9.58 6.20
N PHE A 59 17.58 -8.52 6.32
CA PHE A 59 17.59 -7.72 7.53
C PHE A 59 16.25 -6.98 7.60
N LEU A 60 15.79 -6.53 6.45
CA LEU A 60 14.52 -5.84 6.37
C LEU A 60 13.44 -6.71 6.98
N ASP A 61 13.38 -7.98 6.57
CA ASP A 61 12.40 -8.93 7.09
C ASP A 61 12.39 -9.03 8.59
N TRP A 62 13.58 -9.14 9.19
CA TRP A 62 13.68 -9.23 10.64
C TRP A 62 13.05 -8.01 11.31
N ALA A 63 13.47 -6.83 10.84
CA ALA A 63 13.01 -5.55 11.35
C ALA A 63 11.50 -5.33 11.23
N LEU A 64 10.98 -5.50 10.02
CA LEU A 64 9.56 -5.34 9.71
C LEU A 64 8.70 -6.27 10.58
N SER A 65 9.08 -7.55 10.64
CA SER A 65 8.36 -8.54 11.44
C SER A 65 8.39 -8.10 12.90
N ASN A 66 9.59 -7.79 13.37
CA ASN A 66 9.84 -7.35 14.74
C ASN A 66 8.94 -6.16 15.11
N LEU A 67 8.84 -5.17 14.22
CA LEU A 67 8.04 -3.97 14.46
C LEU A 67 6.53 -4.20 14.27
N GLU A 68 6.14 -5.21 13.51
CA GLU A 68 4.73 -5.53 13.32
C GLU A 68 4.18 -6.22 14.56
N ILE A 69 5.05 -6.97 15.24
CA ILE A 69 4.68 -7.67 16.45
C ILE A 69 4.42 -6.64 17.54
N ALA A 70 5.30 -5.66 17.64
CA ALA A 70 5.17 -4.58 18.61
C ALA A 70 3.89 -3.77 18.36
N HIS A 71 3.63 -3.42 17.10
CA HIS A 71 2.46 -2.65 16.75
C HIS A 71 1.12 -3.37 16.87
N SER A 72 1.13 -4.70 16.93
CA SER A 72 -0.11 -5.45 17.03
C SER A 72 -0.82 -5.44 18.37
N ARG A 73 -0.08 -5.44 19.48
CA ARG A 73 -0.71 -5.46 20.80
C ARG A 73 -1.64 -4.27 21.08
N ILE A 74 -1.62 -3.28 20.19
CA ILE A 74 -2.45 -2.08 20.32
C ILE A 74 -3.49 -2.04 19.20
N ARG A 75 -3.96 -3.23 18.85
CA ARG A 75 -5.00 -3.43 17.82
C ARG A 75 -4.74 -3.00 16.39
N ARG A 76 -3.52 -2.59 16.06
CA ARG A 76 -3.21 -2.15 14.70
C ARG A 76 -3.68 -3.07 13.56
N PHE A 77 -3.53 -4.38 13.73
CA PHE A 77 -3.93 -5.31 12.67
C PHE A 77 -5.31 -5.93 12.77
N GLU A 78 -6.22 -5.26 13.47
CA GLU A 78 -7.58 -5.78 13.63
C GLU A 78 -8.55 -4.95 12.80
N SER A 79 -8.13 -3.74 12.44
CA SER A 79 -8.97 -2.87 11.63
C SER A 79 -8.91 -3.38 10.20
N PRO A 80 -10.06 -3.41 9.50
CA PRO A 80 -10.07 -3.89 8.13
C PRO A 80 -9.14 -3.03 7.27
N ASP A 81 -8.61 -2.00 7.89
CA ASP A 81 -7.72 -1.03 7.29
C ASP A 81 -6.30 -1.60 7.10
N GLU A 82 -5.83 -2.39 8.06
CA GLU A 82 -4.48 -2.95 8.02
C GLU A 82 -4.36 -4.44 7.66
N THR A 83 -3.36 -4.76 6.84
CA THR A 83 -3.04 -6.12 6.38
C THR A 83 -1.52 -6.32 6.59
N PRO A 84 -1.13 -7.08 7.63
CA PRO A 84 0.28 -7.34 7.94
C PRO A 84 1.08 -8.09 6.89
N PHE A 85 2.40 -7.94 6.98
CA PHE A 85 3.34 -8.61 6.08
C PHE A 85 3.80 -9.94 6.68
N PHE A 86 3.54 -10.15 7.97
CA PHE A 86 3.92 -11.38 8.67
C PHE A 86 2.83 -11.79 9.64
N PRO A 87 1.67 -12.21 9.11
CA PRO A 87 0.50 -12.64 9.87
C PRO A 87 0.83 -13.71 10.91
N ASP A 88 1.72 -14.62 10.57
CA ASP A 88 2.10 -15.71 11.46
C ASP A 88 2.95 -15.33 12.66
N LYS A 89 3.08 -14.04 12.94
CA LYS A 89 3.89 -13.61 14.07
C LYS A 89 3.31 -12.42 14.82
N ILE A 90 2.19 -11.90 14.35
CA ILE A 90 1.60 -10.76 15.03
C ILE A 90 0.86 -11.25 16.26
N GLN A 91 1.08 -10.58 17.38
CA GLN A 91 0.45 -10.95 18.64
C GLN A 91 -0.94 -10.38 18.82
N LYS A 92 -1.54 -10.66 19.98
CA LYS A 92 -2.87 -10.16 20.27
C LYS A 92 -2.75 -8.94 21.19
N SER A 93 -3.86 -8.21 21.34
CA SER A 93 -3.89 -7.02 22.16
C SER A 93 -4.55 -7.21 23.51
N PHE A 94 -4.13 -6.42 24.48
CA PHE A 94 -4.66 -6.45 25.84
C PHE A 94 -5.70 -5.34 25.95
N LEU A 95 -6.24 -4.96 24.80
CA LEU A 95 -7.27 -3.94 24.69
C LEU A 95 -8.48 -4.69 24.13
N PRO A 96 -9.69 -4.18 24.39
CA PRO A 96 -10.93 -4.80 23.92
C PRO A 96 -11.03 -4.92 22.40
N SER A 97 -11.56 -6.04 21.93
CA SER A 97 -11.72 -6.28 20.50
C SER A 97 -12.89 -5.44 19.99
N ILE A 98 -12.71 -4.86 18.80
CA ILE A 98 -13.72 -4.00 18.17
C ILE A 98 -14.56 -4.76 17.16
N ASN A 99 -15.88 -4.61 17.24
CA ASN A 99 -16.78 -5.28 16.31
C ASN A 99 -16.88 -4.52 14.99
N TYR A 100 -16.18 -5.01 13.98
CA TYR A 100 -16.24 -4.37 12.68
C TYR A 100 -17.23 -5.10 11.76
N PRO A 101 -18.34 -4.43 11.42
CA PRO A 101 -19.39 -4.96 10.56
C PRO A 101 -18.84 -5.33 9.19
N GLN A 102 -19.39 -6.40 8.61
CA GLN A 102 -18.93 -6.83 7.30
C GLN A 102 -19.37 -5.81 6.28
N ILE A 103 -18.43 -5.47 5.42
CA ILE A 103 -18.66 -4.51 4.34
C ILE A 103 -18.35 -5.17 3.00
N LEU A 104 -17.17 -5.76 2.89
CA LEU A 104 -16.74 -6.42 1.65
C LEU A 104 -17.31 -7.82 1.54
N ALA A 105 -17.06 -8.46 0.40
CA ALA A 105 -17.51 -9.82 0.15
C ALA A 105 -16.66 -10.79 0.97
N PRO A 106 -17.17 -12.02 1.21
CA PRO A 106 -16.44 -13.03 1.99
C PRO A 106 -15.02 -13.34 1.51
N TYR A 107 -14.87 -13.59 0.21
CA TYR A 107 -13.58 -13.94 -0.36
C TYR A 107 -12.52 -12.87 -0.18
N ALA A 108 -12.95 -11.67 0.20
CA ALA A 108 -12.05 -10.54 0.38
C ALA A 108 -10.61 -10.80 0.84
N PRO A 109 -10.40 -11.61 1.91
CA PRO A 109 -9.04 -11.90 2.40
C PRO A 109 -8.15 -12.64 1.41
N GLU A 110 -8.77 -13.34 0.48
CA GLU A 110 -8.03 -14.08 -0.52
C GLU A 110 -7.29 -13.12 -1.45
N VAL A 111 -7.84 -11.91 -1.62
CA VAL A 111 -7.24 -10.89 -2.49
C VAL A 111 -6.11 -10.15 -1.74
N ASN A 112 -4.96 -10.79 -1.61
CA ASN A 112 -3.86 -10.19 -0.90
C ASN A 112 -2.72 -9.94 -1.86
N TYR A 113 -2.10 -8.77 -1.76
CA TYR A 113 -1.00 -8.41 -2.64
C TYR A 113 0.33 -8.11 -1.95
N ASN A 114 0.37 -8.17 -0.62
CA ASN A 114 1.60 -7.86 0.13
C ASN A 114 2.94 -8.33 -0.46
N ASP A 115 3.03 -9.58 -0.86
CA ASP A 115 4.29 -10.06 -1.42
C ASP A 115 4.68 -9.39 -2.74
N LYS A 116 3.69 -8.99 -3.53
CA LYS A 116 3.99 -8.32 -4.80
C LYS A 116 4.51 -6.92 -4.46
N ILE A 117 3.80 -6.23 -3.58
CA ILE A 117 4.17 -4.88 -3.17
C ILE A 117 5.63 -4.76 -2.76
N LYS A 118 6.06 -5.62 -1.84
CA LYS A 118 7.43 -5.57 -1.40
C LYS A 118 8.42 -5.92 -2.51
N LYS A 119 7.99 -6.76 -3.45
CA LYS A 119 8.88 -7.14 -4.53
C LYS A 119 9.14 -6.00 -5.50
N VAL A 120 8.13 -5.18 -5.79
CA VAL A 120 8.33 -4.05 -6.69
C VAL A 120 8.99 -2.90 -5.92
N TYR A 121 8.76 -2.84 -4.62
CA TYR A 121 9.36 -1.80 -3.79
C TYR A 121 10.87 -1.94 -3.82
N ILE A 122 11.33 -3.14 -3.47
CA ILE A 122 12.73 -3.45 -3.40
C ILE A 122 13.46 -3.52 -4.73
N GLU A 123 12.85 -4.15 -5.73
CA GLU A 123 13.50 -4.28 -7.04
C GLU A 123 13.29 -3.09 -8.00
N LYS A 124 12.07 -2.57 -8.05
CA LYS A 124 11.77 -1.49 -8.96
C LYS A 124 11.79 -0.06 -8.40
N ILE A 125 11.28 0.15 -7.19
CA ILE A 125 11.26 1.48 -6.60
C ILE A 125 12.61 1.97 -6.07
N ILE A 126 13.19 1.21 -5.13
CA ILE A 126 14.48 1.57 -4.53
C ILE A 126 15.56 2.04 -5.51
N PRO A 127 15.90 1.23 -6.52
CA PRO A 127 16.92 1.66 -7.48
C PRO A 127 16.68 3.06 -8.07
N LEU A 128 15.43 3.44 -8.23
CA LEU A 128 15.11 4.74 -8.81
C LEU A 128 15.15 5.91 -7.83
N ILE A 129 14.73 5.70 -6.59
CA ILE A 129 14.69 6.81 -5.62
C ILE A 129 15.89 7.00 -4.70
N SER A 130 16.84 6.09 -4.69
CA SER A 130 17.99 6.23 -3.81
C SER A 130 18.95 7.37 -4.20
N LYS A 131 19.65 7.90 -3.20
CA LYS A 131 20.60 8.99 -3.41
C LYS A 131 21.75 8.48 -4.24
N ARG A 132 22.04 7.19 -4.11
CA ARG A 132 23.14 6.55 -4.81
C ARG A 132 23.09 5.07 -4.49
N ASP A 133 23.89 4.28 -5.19
CA ASP A 133 23.92 2.85 -4.92
C ASP A 133 25.13 2.44 -4.10
N GLY A 134 24.90 1.48 -3.19
CA GLY A 134 25.97 1.00 -2.33
C GLY A 134 25.49 0.92 -0.90
N ASP A 135 26.15 0.09 -0.10
CA ASP A 135 25.77 -0.04 1.30
C ASP A 135 26.20 1.17 2.13
N ASP A 136 25.31 1.62 3.01
CA ASP A 136 25.61 2.73 3.90
C ASP A 136 25.45 2.14 5.28
N LYS A 137 26.41 1.31 5.65
CA LYS A 137 26.43 0.61 6.92
C LYS A 137 26.12 1.40 8.18
N ASN A 138 26.35 2.71 8.18
CA ASN A 138 26.05 3.50 9.37
C ASN A 138 24.59 3.90 9.46
N ASN A 139 23.82 3.53 8.44
CA ASN A 139 22.41 3.87 8.40
C ASN A 139 21.46 2.69 8.16
N PHE A 140 21.95 1.46 8.20
CA PHE A 140 21.10 0.30 7.99
C PHE A 140 19.83 0.33 8.84
N GLY A 141 19.93 0.87 10.05
CA GLY A 141 18.76 0.97 10.92
C GLY A 141 17.77 2.06 10.50
N SER A 142 18.30 3.23 10.13
CA SER A 142 17.48 4.35 9.67
C SER A 142 16.76 3.96 8.38
N VAL A 143 17.56 3.51 7.40
CA VAL A 143 17.07 3.05 6.10
C VAL A 143 15.99 1.99 6.25
N ALA A 144 16.23 0.99 7.09
CA ALA A 144 15.28 -0.11 7.33
C ALA A 144 13.96 0.38 7.85
N THR A 145 13.99 1.35 8.74
CA THR A 145 12.76 1.89 9.28
C THR A 145 11.98 2.57 8.16
N ARG A 146 12.70 3.34 7.34
CA ARG A 146 12.09 4.03 6.20
C ARG A 146 11.33 3.08 5.29
N ASP A 147 11.92 1.92 4.99
CA ASP A 147 11.29 0.94 4.12
C ASP A 147 10.02 0.43 4.79
N ILE A 148 10.11 0.06 6.06
CA ILE A 148 8.96 -0.43 6.81
C ILE A 148 7.80 0.53 6.69
N GLU A 149 8.09 1.82 6.78
CA GLU A 149 7.04 2.83 6.68
C GLU A 149 6.53 3.00 5.23
N CYS A 150 7.42 2.88 4.25
CA CYS A 150 7.04 2.97 2.84
C CYS A 150 6.25 1.70 2.45
N LEU A 151 6.57 0.58 3.10
CA LEU A 151 5.85 -0.66 2.82
C LEU A 151 4.45 -0.52 3.44
N GLN A 152 4.40 0.03 4.65
CA GLN A 152 3.13 0.23 5.35
C GLN A 152 2.20 1.19 4.64
N SER A 153 2.75 2.20 3.99
CA SER A 153 1.92 3.17 3.26
C SER A 153 1.41 2.61 1.92
N LEU A 154 2.27 1.86 1.23
CA LEU A 154 1.90 1.25 -0.04
C LEU A 154 0.78 0.24 0.18
N SER A 155 0.92 -0.61 1.18
CA SER A 155 -0.11 -1.61 1.48
C SER A 155 -1.49 -1.04 1.76
N ARG A 156 -1.61 -0.29 2.85
CA ARG A 156 -2.88 0.31 3.25
C ARG A 156 -3.60 0.99 2.09
N ARG A 157 -2.84 1.67 1.24
CA ARG A 157 -3.45 2.36 0.10
C ARG A 157 -3.94 1.35 -0.92
N ILE A 158 -3.04 0.48 -1.37
CA ILE A 158 -3.35 -0.52 -2.38
C ILE A 158 -4.52 -1.44 -2.01
N HIS A 159 -4.51 -1.94 -0.79
CA HIS A 159 -5.56 -2.83 -0.34
C HIS A 159 -6.88 -2.12 -0.07
N PHE A 160 -6.85 -0.79 0.03
CA PHE A 160 -8.07 -0.02 0.26
C PHE A 160 -8.87 -0.03 -1.05
N GLY A 161 -8.30 -0.62 -2.09
CA GLY A 161 -8.96 -0.71 -3.38
C GLY A 161 -10.13 -1.69 -3.41
N LYS A 162 -10.32 -2.43 -2.32
CA LYS A 162 -11.44 -3.39 -2.24
C LYS A 162 -12.66 -2.61 -1.79
N PHE A 163 -12.43 -1.64 -0.91
CA PHE A 163 -13.49 -0.77 -0.43
C PHE A 163 -13.85 0.18 -1.56
N VAL A 164 -12.82 0.72 -2.21
CA VAL A 164 -12.98 1.63 -3.35
C VAL A 164 -13.78 0.94 -4.47
N ALA A 165 -13.54 -0.34 -4.68
CA ALA A 165 -14.23 -1.10 -5.72
C ALA A 165 -15.59 -1.61 -5.27
N GLU A 166 -15.76 -1.87 -3.97
CA GLU A 166 -17.03 -2.34 -3.44
C GLU A 166 -18.02 -1.18 -3.42
N ALA A 167 -17.53 0.00 -3.05
CA ALA A 167 -18.34 1.20 -3.02
C ALA A 167 -18.82 1.47 -4.44
N LYS A 168 -17.92 1.35 -5.42
CA LYS A 168 -18.27 1.57 -6.83
C LYS A 168 -19.33 0.59 -7.32
N PHE A 169 -19.06 -0.70 -7.16
CA PHE A 169 -20.00 -1.73 -7.57
C PHE A 169 -21.38 -1.36 -7.03
N GLN A 170 -21.49 -1.20 -5.71
CA GLN A 170 -22.76 -0.84 -5.13
C GLN A 170 -23.31 0.52 -5.58
N SER A 171 -22.47 1.40 -6.11
CA SER A 171 -22.97 2.70 -6.52
C SER A 171 -23.74 2.59 -7.82
N ASP A 172 -23.54 1.48 -8.52
CA ASP A 172 -24.20 1.24 -9.80
C ASP A 172 -24.27 -0.25 -10.13
N ILE A 173 -25.05 -0.99 -9.33
CA ILE A 173 -25.25 -2.44 -9.53
C ILE A 173 -25.48 -2.82 -11.01
N PRO A 174 -26.56 -2.32 -11.63
CA PRO A 174 -26.85 -2.64 -13.03
C PRO A 174 -25.65 -2.60 -13.97
N LEU A 175 -24.83 -1.56 -13.85
CA LEU A 175 -23.67 -1.39 -14.72
C LEU A 175 -22.62 -2.45 -14.52
N TYR A 176 -22.13 -2.57 -13.29
CA TYR A 176 -21.09 -3.53 -13.00
C TYR A 176 -21.41 -5.00 -13.17
N THR A 177 -22.64 -5.40 -12.88
CA THR A 177 -23.07 -6.79 -13.05
C THR A 177 -22.88 -7.24 -14.50
N LYS A 178 -23.21 -6.37 -15.45
CA LYS A 178 -23.06 -6.67 -16.87
C LYS A 178 -21.60 -6.82 -17.22
N LEU A 179 -20.80 -5.81 -16.88
CA LEU A 179 -19.37 -5.83 -17.16
C LEU A 179 -18.75 -7.09 -16.58
N ILE A 180 -19.02 -7.35 -15.31
CA ILE A 180 -18.49 -8.51 -14.61
C ILE A 180 -18.89 -9.82 -15.29
N LYS A 181 -20.18 -9.99 -15.56
CA LYS A 181 -20.69 -11.21 -16.20
C LYS A 181 -20.03 -11.56 -17.53
N SER A 182 -19.54 -10.55 -18.24
CA SER A 182 -18.90 -10.75 -19.54
C SER A 182 -17.38 -10.79 -19.35
N LYS A 183 -16.95 -10.84 -18.09
CA LYS A 183 -15.54 -10.82 -17.73
C LYS A 183 -14.81 -9.80 -18.57
N ASP A 184 -15.43 -8.64 -18.70
CA ASP A 184 -14.88 -7.54 -19.48
C ASP A 184 -13.95 -6.67 -18.64
N VAL A 185 -12.67 -7.04 -18.63
CA VAL A 185 -11.67 -6.29 -17.87
C VAL A 185 -11.62 -4.83 -18.28
N GLU A 186 -11.27 -4.55 -19.53
CA GLU A 186 -11.20 -3.15 -19.97
C GLU A 186 -12.46 -2.32 -19.71
N GLY A 187 -13.62 -2.98 -19.75
CA GLY A 187 -14.86 -2.26 -19.50
C GLY A 187 -14.80 -1.76 -18.07
N ILE A 188 -14.53 -2.68 -17.16
CA ILE A 188 -14.40 -2.36 -15.74
C ILE A 188 -13.35 -1.25 -15.62
N MET A 189 -12.23 -1.47 -16.29
CA MET A 189 -11.09 -0.57 -16.33
C MET A 189 -11.42 0.90 -16.57
N LYS A 190 -12.22 1.16 -17.59
CA LYS A 190 -12.59 2.54 -17.92
C LYS A 190 -13.65 3.19 -17.03
N ASN A 191 -14.46 2.37 -16.37
CA ASN A 191 -15.51 2.89 -15.49
C ASN A 191 -15.09 3.19 -14.06
N ILE A 192 -13.98 2.60 -13.60
CA ILE A 192 -13.53 2.88 -12.25
C ILE A 192 -12.51 4.02 -12.23
N THR A 193 -12.16 4.55 -13.40
CA THR A 193 -11.18 5.63 -13.49
C THR A 193 -11.46 6.61 -14.63
N ASN A 194 -11.47 7.89 -14.30
CA ASN A 194 -11.70 8.97 -15.25
C ASN A 194 -10.39 9.73 -15.44
N SER A 195 -9.84 9.63 -16.65
CA SER A 195 -8.57 10.28 -17.00
C SER A 195 -8.54 11.73 -16.58
N ALA A 196 -9.66 12.42 -16.73
CA ALA A 196 -9.76 13.82 -16.38
C ALA A 196 -9.48 14.03 -14.91
N VAL A 197 -10.12 13.23 -14.07
CA VAL A 197 -9.95 13.36 -12.63
C VAL A 197 -8.67 12.74 -12.08
N GLU A 198 -8.15 11.71 -12.74
CA GLU A 198 -6.91 11.08 -12.28
C GLU A 198 -5.76 12.06 -12.45
N GLU A 199 -5.73 12.78 -13.58
CA GLU A 199 -4.65 13.73 -13.81
C GLU A 199 -4.66 14.88 -12.83
N LYS A 200 -5.85 15.40 -12.52
CA LYS A 200 -5.90 16.51 -11.57
C LYS A 200 -5.34 16.04 -10.23
N ILE A 201 -5.53 14.77 -9.89
CA ILE A 201 -5.03 14.21 -8.64
C ILE A 201 -3.52 14.25 -8.67
N LEU A 202 -2.94 13.80 -9.77
CA LEU A 202 -1.50 13.79 -9.91
C LEU A 202 -0.95 15.22 -9.93
N GLU A 203 -1.69 16.14 -10.54
CA GLU A 203 -1.26 17.52 -10.59
C GLU A 203 -1.19 18.08 -9.17
N ARG A 204 -2.17 17.71 -8.36
CA ARG A 204 -2.21 18.13 -6.96
C ARG A 204 -1.05 17.51 -6.18
N LEU A 205 -0.85 16.21 -6.40
CA LEU A 205 0.18 15.41 -5.75
C LEU A 205 1.58 15.96 -5.98
N THR A 206 1.82 16.43 -7.20
CA THR A 206 3.12 17.01 -7.56
C THR A 206 3.38 18.26 -6.71
N LYS A 207 2.37 19.12 -6.60
CA LYS A 207 2.44 20.37 -5.83
C LYS A 207 2.82 20.09 -4.39
N LYS A 208 2.23 19.04 -3.82
CA LYS A 208 2.51 18.65 -2.44
C LYS A 208 3.99 18.29 -2.32
N ALA A 209 4.47 17.38 -3.17
CA ALA A 209 5.85 16.93 -3.16
C ALA A 209 6.83 18.10 -3.06
N GLU A 210 6.69 19.05 -3.97
CA GLU A 210 7.56 20.21 -3.99
C GLU A 210 7.57 20.98 -2.67
N VAL A 211 6.39 21.41 -2.21
CA VAL A 211 6.29 22.14 -0.96
C VAL A 211 6.79 21.31 0.22
N TYR A 212 6.61 20.00 0.18
CA TYR A 212 7.06 19.14 1.26
C TYR A 212 8.56 19.23 1.39
N GLY A 213 9.27 18.55 0.49
CA GLY A 213 10.72 18.54 0.57
C GLY A 213 11.42 18.51 -0.77
N VAL A 214 12.06 17.38 -1.06
CA VAL A 214 12.81 17.16 -2.29
C VAL A 214 14.16 17.89 -2.21
N ARG A 224 18.13 15.98 -7.39
CA ARG A 224 18.23 14.72 -8.18
C ARG A 224 16.86 14.18 -8.62
N ILE A 225 15.90 14.15 -7.69
CA ILE A 225 14.55 13.70 -8.01
C ILE A 225 13.69 14.95 -8.00
N THR A 226 13.12 15.27 -9.15
CA THR A 226 12.26 16.44 -9.29
C THR A 226 10.86 15.99 -8.85
N PRO A 227 9.98 16.93 -8.46
CA PRO A 227 8.63 16.54 -8.03
C PRO A 227 7.91 15.77 -9.14
N GLU A 228 7.88 16.35 -10.34
CA GLU A 228 7.20 15.69 -11.44
C GLU A 228 7.73 14.29 -11.77
N TYR A 229 9.04 14.08 -11.62
CA TYR A 229 9.64 12.77 -11.89
C TYR A 229 9.14 11.76 -10.87
N LEU A 230 9.02 12.18 -9.63
CA LEU A 230 8.57 11.31 -8.56
C LEU A 230 7.13 10.86 -8.83
N VAL A 231 6.24 11.81 -9.04
CA VAL A 231 4.84 11.52 -9.31
C VAL A 231 4.69 10.52 -10.46
N LYS A 232 5.67 10.48 -11.36
CA LYS A 232 5.62 9.54 -12.48
C LYS A 232 6.08 8.17 -12.07
N ILE A 233 7.03 8.11 -11.13
CA ILE A 233 7.48 6.83 -10.63
C ILE A 233 6.21 6.26 -10.02
N TYR A 234 5.53 7.09 -9.22
CA TYR A 234 4.28 6.71 -8.59
C TYR A 234 3.24 6.25 -9.62
N LYS A 235 2.92 7.14 -10.55
CA LYS A 235 1.93 6.85 -11.57
C LYS A 235 2.21 5.59 -12.39
N GLU A 236 3.47 5.29 -12.65
CA GLU A 236 3.82 4.15 -13.49
C GLU A 236 4.19 2.79 -12.87
N ILE A 237 4.48 2.77 -11.58
CA ILE A 237 4.82 1.50 -10.92
C ILE A 237 3.83 1.16 -9.81
N VAL A 238 3.29 2.19 -9.15
CA VAL A 238 2.34 2.01 -8.07
C VAL A 238 0.87 1.93 -8.53
N ILE A 239 0.42 2.90 -9.33
CA ILE A 239 -0.99 2.90 -9.80
C ILE A 239 -1.44 1.59 -10.42
N PRO A 240 -0.69 1.04 -11.37
CA PRO A 240 -1.11 -0.21 -11.99
C PRO A 240 -1.49 -1.31 -10.99
N ILE A 241 -0.81 -1.37 -9.85
CA ILE A 241 -1.11 -2.41 -8.86
C ILE A 241 -2.41 -2.08 -8.16
N THR A 242 -2.71 -0.80 -8.02
CA THR A 242 -3.93 -0.39 -7.36
C THR A 242 -5.12 -0.96 -8.12
N LYS A 243 -5.07 -0.85 -9.43
CA LYS A 243 -6.16 -1.33 -10.29
C LYS A 243 -6.25 -2.84 -10.40
N GLU A 244 -5.13 -3.53 -10.17
CA GLU A 244 -5.12 -4.99 -10.22
C GLU A 244 -5.97 -5.55 -9.08
N VAL A 245 -6.03 -4.81 -7.97
CA VAL A 245 -6.83 -5.25 -6.85
C VAL A 245 -8.31 -5.05 -7.15
N GLU A 246 -8.65 -3.93 -7.81
CA GLU A 246 -10.04 -3.63 -8.16
C GLU A 246 -10.69 -4.60 -9.11
N VAL A 247 -9.98 -4.94 -10.19
CA VAL A 247 -10.51 -5.87 -11.20
C VAL A 247 -10.56 -7.33 -10.73
N GLU A 248 -9.63 -7.71 -9.85
CA GLU A 248 -9.62 -9.07 -9.33
C GLU A 248 -10.83 -9.26 -8.44
N TYR A 249 -11.04 -8.29 -7.55
CA TYR A 249 -12.14 -8.30 -6.60
C TYR A 249 -13.45 -8.35 -7.36
N LEU A 250 -13.67 -7.35 -8.20
CA LEU A 250 -14.89 -7.24 -8.99
C LEU A 250 -15.24 -8.47 -9.81
N LEU A 251 -14.26 -9.06 -10.49
CA LEU A 251 -14.54 -10.26 -11.30
C LEU A 251 -15.24 -11.38 -10.54
N ARG A 252 -14.73 -11.70 -9.34
CA ARG A 252 -15.32 -12.75 -8.52
C ARG A 252 -16.33 -12.21 -7.51
N ARG A 253 -17.07 -11.20 -7.93
CA ARG A 253 -18.06 -10.57 -7.07
C ARG A 253 -19.47 -11.17 -7.18
N LEU A 254 -19.65 -12.17 -8.05
CA LEU A 254 -20.99 -12.76 -8.22
C LEU A 254 -21.00 -14.29 -8.13
N TYR B . -7.49 2.32 15.29
CA TYR B . -7.42 0.97 15.85
C TYR B . -7.13 1.08 17.33
O TYR B . -6.81 2.19 17.80
CB TYR B . -6.34 0.15 15.13
CG TYR B . -4.95 0.78 15.09
CD1 TYR B . -4.15 0.82 16.23
CD2 TYR B . -4.41 1.24 13.89
CE1 TYR B . -2.83 1.29 16.18
CE2 TYR B . -3.10 1.73 13.83
CZ TYR B . -2.31 1.75 14.98
OH TYR B . -1.00 2.18 14.89
OXT TYR B . -7.29 0.08 18.02
#